data_3TD7
#
_entry.id   3TD7
#
_cell.length_a   91.306
_cell.length_b   91.306
_cell.length_c   200.790
_cell.angle_alpha   90.00
_cell.angle_beta   90.00
_cell.angle_gamma   120.00
#
_symmetry.space_group_name_H-M   'P 61 2 2'
#
loop_
_entity.id
_entity.type
_entity.pdbx_description
1 polymer 'FAD-linked sulfhydryl oxidase R596'
2 non-polymer 'FLAVIN-ADENINE DINUCLEOTIDE'
3 water water
#
_entity_poly.entity_id   1
_entity_poly.type   'polypeptide(L)'
_entity_poly.pdbx_seq_one_letter_code
;GSHMSLSKQVVPTHRVEIAPNSESTAKMDHSNYQHNGLITKIWGTAGWTFNHAVTFGYPLNPTSDDKRRYKNYFISLGDV
LPCRLCRESYKKFITTGKTALTNEVLRNRHTLTKWFYDVHNAVNNKLEVDYGLSYEDVVNKYESFRAKCGKPVPTVKGCV
TPLDHKAFSFKKLYYMDAPIVSLDKVENFVRIARMRGISDKYFAFLELATVLNGDFNELKKQSSWEYRNKYAQKKIRHMR
ENAIPSIEEQGYWKGTPTIDELKLLLFLASNLNRTEVNDAINNVERLESTHYIEN
;
_entity_poly.pdbx_strand_id   A
#
loop_
_chem_comp.id
_chem_comp.type
_chem_comp.name
_chem_comp.formula
FAD non-polymer 'FLAVIN-ADENINE DINUCLEOTIDE' 'C27 H33 N9 O15 P2'
#
# COMPACT_ATOMS: atom_id res chain seq x y z
N HIS A 35 -12.03 -22.16 -13.57
CA HIS A 35 -12.65 -20.95 -14.19
C HIS A 35 -11.64 -19.81 -14.38
N ASN A 36 -11.74 -18.78 -13.54
CA ASN A 36 -10.85 -17.62 -13.63
C ASN A 36 -9.60 -17.79 -12.77
N GLY A 37 -8.92 -16.67 -12.50
CA GLY A 37 -7.75 -16.67 -11.65
C GLY A 37 -8.24 -16.47 -10.23
N LEU A 38 -7.35 -16.13 -9.30
CA LEU A 38 -7.79 -15.91 -7.92
C LEU A 38 -7.81 -14.43 -7.57
N ILE A 39 -8.73 -14.04 -6.69
CA ILE A 39 -8.88 -12.65 -6.26
C ILE A 39 -7.54 -12.02 -5.82
N THR A 40 -7.10 -11.00 -6.55
CA THR A 40 -5.82 -10.34 -6.28
C THR A 40 -5.63 -9.85 -4.85
N LYS A 41 -6.69 -9.39 -4.20
CA LYS A 41 -6.55 -8.92 -2.84
C LYS A 41 -6.45 -10.05 -1.81
N ILE A 42 -6.54 -11.30 -2.25
CA ILE A 42 -6.42 -12.41 -1.32
C ILE A 42 -4.97 -12.94 -1.35
N TRP A 43 -4.44 -13.16 -2.55
CA TRP A 43 -3.10 -13.71 -2.68
C TRP A 43 -1.97 -12.69 -2.84
N GLY A 44 -2.31 -11.46 -3.20
CA GLY A 44 -1.32 -10.42 -3.41
C GLY A 44 -0.28 -10.12 -2.33
N THR A 45 -0.74 -9.87 -1.11
CA THR A 45 0.14 -9.54 0.01
C THR A 45 1.11 -10.67 0.35
N ALA A 46 0.63 -11.91 0.31
CA ALA A 46 1.47 -13.07 0.61
C ALA A 46 2.51 -13.14 -0.52
N GLY A 47 2.06 -12.86 -1.73
CA GLY A 47 2.95 -12.87 -2.87
C GLY A 47 4.08 -11.87 -2.68
N TRP A 48 3.77 -10.65 -2.25
CA TRP A 48 4.83 -9.66 -2.05
C TRP A 48 5.74 -9.99 -0.86
N THR A 49 5.14 -10.28 0.28
CA THR A 49 5.92 -10.58 1.47
C THR A 49 6.92 -11.72 1.22
N PHE A 50 6.45 -12.79 0.60
CA PHE A 50 7.33 -13.94 0.33
C PHE A 50 8.42 -13.60 -0.67
N ASN A 51 8.04 -13.00 -1.79
CA ASN A 51 9.03 -12.65 -2.79
C ASN A 51 10.02 -11.57 -2.36
N HIS A 52 9.61 -10.64 -1.49
CA HIS A 52 10.59 -9.65 -1.01
C HIS A 52 11.55 -10.39 -0.07
N ALA A 53 11.02 -11.36 0.68
CA ALA A 53 11.85 -12.14 1.59
C ALA A 53 12.85 -12.95 0.77
N VAL A 54 12.43 -13.40 -0.40
CA VAL A 54 13.32 -14.16 -1.26
C VAL A 54 14.52 -13.28 -1.64
N THR A 55 14.27 -12.04 -2.06
CA THR A 55 15.36 -11.17 -2.45
C THR A 55 16.33 -10.84 -1.32
N PHE A 56 15.84 -10.76 -0.09
CA PHE A 56 16.73 -10.47 1.03
C PHE A 56 17.50 -11.73 1.48
N GLY A 57 17.15 -12.86 0.89
CA GLY A 57 17.83 -14.10 1.21
C GLY A 57 18.90 -14.38 0.15
N TYR A 58 19.10 -13.40 -0.72
CA TYR A 58 20.09 -13.47 -1.80
C TYR A 58 21.46 -13.21 -1.20
N PRO A 59 22.49 -13.93 -1.70
CA PRO A 59 23.86 -13.78 -1.21
C PRO A 59 24.43 -12.39 -1.43
N LEU A 60 25.35 -11.98 -0.59
CA LEU A 60 25.98 -10.66 -0.76
C LEU A 60 26.88 -10.73 -2.00
N ASN A 61 27.37 -11.94 -2.30
CA ASN A 61 28.24 -12.14 -3.46
C ASN A 61 27.77 -13.35 -4.25
N PRO A 62 26.69 -13.20 -5.02
CA PRO A 62 26.23 -14.36 -5.78
C PRO A 62 27.30 -14.94 -6.72
N THR A 63 27.04 -16.15 -7.20
CA THR A 63 27.95 -16.83 -8.11
C THR A 63 27.20 -16.86 -9.43
N SER A 64 27.91 -17.06 -10.53
CA SER A 64 27.25 -17.12 -11.83
C SER A 64 26.06 -18.04 -11.71
N ASP A 65 26.20 -19.07 -10.88
CA ASP A 65 25.13 -20.03 -10.67
C ASP A 65 23.96 -19.42 -9.91
N ASP A 66 24.25 -18.69 -8.82
CA ASP A 66 23.20 -18.05 -8.05
C ASP A 66 22.40 -17.13 -8.96
N LYS A 67 23.12 -16.22 -9.62
CA LYS A 67 22.52 -15.27 -10.54
C LYS A 67 21.56 -15.95 -11.51
N ARG A 68 22.00 -17.05 -12.09
CA ARG A 68 21.16 -17.76 -13.04
C ARG A 68 19.97 -18.41 -12.35
N ARG A 69 20.19 -18.96 -11.17
CA ARG A 69 19.12 -19.62 -10.42
C ARG A 69 17.99 -18.67 -9.98
N TYR A 70 18.35 -17.50 -9.46
CA TYR A 70 17.36 -16.51 -9.05
C TYR A 70 16.65 -15.87 -10.23
N LYS A 71 17.42 -15.51 -11.26
CA LYS A 71 16.85 -14.87 -12.45
C LYS A 71 15.76 -15.78 -13.02
N ASN A 72 16.09 -17.05 -13.20
CA ASN A 72 15.14 -18.00 -13.74
C ASN A 72 13.91 -18.11 -12.86
N TYR A 73 14.11 -17.96 -11.56
CA TYR A 73 13.01 -18.03 -10.62
C TYR A 73 12.08 -16.84 -10.88
N PHE A 74 12.65 -15.64 -10.86
CA PHE A 74 11.85 -14.45 -11.08
C PHE A 74 11.24 -14.40 -12.48
N ILE A 75 11.88 -15.06 -13.43
CA ILE A 75 11.31 -15.09 -14.78
C ILE A 75 10.08 -16.00 -14.72
N SER A 76 10.22 -17.14 -14.05
CA SER A 76 9.12 -18.09 -13.92
C SER A 76 7.98 -17.55 -13.07
N LEU A 77 8.28 -16.63 -12.17
CA LEU A 77 7.26 -16.02 -11.32
C LEU A 77 6.19 -15.43 -12.24
N GLY A 78 6.64 -14.80 -13.32
CA GLY A 78 5.72 -14.19 -14.28
C GLY A 78 4.79 -15.16 -14.97
N ASP A 79 5.12 -16.45 -14.94
CA ASP A 79 4.28 -17.45 -15.59
C ASP A 79 3.22 -18.03 -14.67
N VAL A 80 3.41 -17.89 -13.36
CA VAL A 80 2.49 -18.49 -12.40
C VAL A 80 1.54 -17.63 -11.56
N LEU A 81 1.75 -16.30 -11.54
CA LEU A 81 0.86 -15.42 -10.78
C LEU A 81 -0.56 -15.84 -11.18
N PRO A 82 -1.41 -16.17 -10.21
CA PRO A 82 -2.79 -16.60 -10.48
C PRO A 82 -3.75 -15.52 -10.95
N CYS A 83 -3.36 -14.82 -12.01
CA CYS A 83 -4.16 -13.76 -12.59
C CYS A 83 -3.50 -13.34 -13.91
N ARG A 84 -4.21 -13.58 -15.02
CA ARG A 84 -3.69 -13.28 -16.36
C ARG A 84 -3.13 -11.87 -16.51
N LEU A 85 -3.96 -10.87 -16.27
CA LEU A 85 -3.53 -9.47 -16.39
C LEU A 85 -2.27 -9.20 -15.56
N CYS A 86 -2.22 -9.79 -14.38
CA CYS A 86 -1.08 -9.61 -13.50
C CYS A 86 0.19 -10.14 -14.15
N ARG A 87 0.07 -11.30 -14.79
CA ARG A 87 1.22 -11.90 -15.46
C ARG A 87 1.71 -10.99 -16.58
N GLU A 88 0.78 -10.49 -17.38
CA GLU A 88 1.13 -9.60 -18.49
C GLU A 88 1.86 -8.33 -18.03
N SER A 89 1.30 -7.64 -17.03
CA SER A 89 1.92 -6.42 -16.52
C SER A 89 3.30 -6.70 -15.96
N TYR A 90 3.41 -7.77 -15.20
CA TYR A 90 4.68 -8.15 -14.59
C TYR A 90 5.73 -8.40 -15.68
N LYS A 91 5.37 -9.18 -16.69
CA LYS A 91 6.29 -9.48 -17.79
C LYS A 91 6.73 -8.16 -18.42
N LYS A 92 5.76 -7.31 -18.73
CA LYS A 92 6.05 -6.02 -19.33
C LYS A 92 7.04 -5.25 -18.45
N PHE A 93 6.76 -5.19 -17.16
CA PHE A 93 7.63 -4.49 -16.22
C PHE A 93 9.06 -5.01 -16.19
N ILE A 94 9.23 -6.33 -16.21
CA ILE A 94 10.58 -6.90 -16.15
C ILE A 94 11.37 -6.87 -17.46
N THR A 95 10.80 -6.26 -18.49
CA THR A 95 11.48 -6.14 -19.78
C THR A 95 11.62 -4.69 -20.24
N THR A 96 11.34 -3.72 -19.37
CA THR A 96 11.45 -2.31 -19.75
C THR A 96 11.83 -1.39 -18.59
N GLY A 97 12.57 -0.33 -18.91
CA GLY A 97 12.97 0.63 -17.89
C GLY A 97 13.82 0.09 -16.77
N LYS A 98 13.66 0.66 -15.58
CA LYS A 98 14.45 0.23 -14.43
C LYS A 98 13.93 -1.01 -13.72
N THR A 99 12.78 -1.52 -14.15
CA THR A 99 12.22 -2.73 -13.55
C THR A 99 12.61 -3.95 -14.39
N ALA A 100 13.47 -3.72 -15.38
CA ALA A 100 13.92 -4.79 -16.27
C ALA A 100 14.84 -5.77 -15.53
N LEU A 101 14.53 -7.05 -15.63
CA LEU A 101 15.33 -8.08 -14.99
C LEU A 101 16.58 -8.28 -15.85
N THR A 102 17.72 -7.81 -15.37
CA THR A 102 18.98 -7.91 -16.09
C THR A 102 20.12 -8.36 -15.19
N ASN A 103 21.22 -8.81 -15.78
CA ASN A 103 22.36 -9.27 -15.01
C ASN A 103 22.87 -8.22 -14.03
N GLU A 104 22.63 -6.95 -14.31
CA GLU A 104 23.11 -5.91 -13.41
C GLU A 104 22.30 -5.97 -12.10
N VAL A 105 21.02 -6.30 -12.24
CA VAL A 105 20.12 -6.42 -11.10
C VAL A 105 20.63 -7.54 -10.21
N LEU A 106 20.99 -8.65 -10.85
CA LEU A 106 21.48 -9.84 -10.16
C LEU A 106 22.91 -9.73 -9.63
N ARG A 107 23.47 -8.52 -9.60
CA ARG A 107 24.84 -8.37 -9.12
C ARG A 107 25.02 -8.76 -7.67
N ASN A 108 24.14 -8.28 -6.80
CA ASN A 108 24.22 -8.61 -5.38
C ASN A 108 22.86 -8.46 -4.68
N ARG A 109 22.87 -8.56 -3.36
CA ARG A 109 21.64 -8.44 -2.58
C ARG A 109 21.05 -7.05 -2.67
N HIS A 110 21.90 -6.03 -2.59
CA HIS A 110 21.42 -4.66 -2.68
C HIS A 110 20.71 -4.45 -4.00
N THR A 111 21.37 -4.80 -5.10
CA THR A 111 20.77 -4.62 -6.41
C THR A 111 19.50 -5.43 -6.63
N LEU A 112 19.46 -6.65 -6.09
CA LEU A 112 18.28 -7.49 -6.27
C LEU A 112 17.10 -6.99 -5.43
N THR A 113 17.36 -6.59 -4.19
CA THR A 113 16.28 -6.10 -3.35
C THR A 113 15.75 -4.75 -3.82
N LYS A 114 16.63 -3.93 -4.37
CA LYS A 114 16.26 -2.61 -4.87
C LYS A 114 15.39 -2.80 -6.10
N TRP A 115 15.73 -3.80 -6.90
CA TRP A 115 14.97 -4.10 -8.12
C TRP A 115 13.53 -4.53 -7.82
N PHE A 116 13.35 -5.48 -6.90
CA PHE A 116 12.00 -5.95 -6.61
C PHE A 116 11.18 -4.86 -5.92
N TYR A 117 11.84 -4.01 -5.14
CA TYR A 117 11.16 -2.87 -4.50
C TYR A 117 10.59 -1.99 -5.63
N ASP A 118 11.37 -1.82 -6.69
CA ASP A 118 10.93 -1.00 -7.84
C ASP A 118 9.81 -1.69 -8.60
N VAL A 119 9.87 -3.00 -8.73
CA VAL A 119 8.80 -3.73 -9.41
C VAL A 119 7.50 -3.54 -8.61
N HIS A 120 7.61 -3.61 -7.29
CA HIS A 120 6.44 -3.45 -6.42
C HIS A 120 5.87 -2.05 -6.63
N ASN A 121 6.73 -1.05 -6.68
CA ASN A 121 6.28 0.33 -6.91
C ASN A 121 5.58 0.42 -8.27
N ALA A 122 6.12 -0.29 -9.27
CA ALA A 122 5.54 -0.30 -10.61
C ALA A 122 4.11 -0.81 -10.60
N VAL A 123 3.85 -1.86 -9.83
CA VAL A 123 2.50 -2.41 -9.74
C VAL A 123 1.60 -1.42 -8.98
N ASN A 124 2.15 -0.81 -7.93
CA ASN A 124 1.37 0.16 -7.15
C ASN A 124 0.90 1.27 -8.07
N ASN A 125 1.83 1.78 -8.88
CA ASN A 125 1.55 2.87 -9.81
C ASN A 125 0.51 2.43 -10.84
N LYS A 126 0.60 1.19 -11.30
CA LYS A 126 -0.36 0.68 -12.27
C LYS A 126 -1.75 0.67 -11.65
N LEU A 127 -1.83 0.28 -10.38
CA LEU A 127 -3.11 0.24 -9.69
C LEU A 127 -3.49 1.62 -9.15
N GLU A 128 -2.55 2.57 -9.25
CA GLU A 128 -2.76 3.94 -8.78
C GLU A 128 -3.02 4.00 -7.28
N VAL A 129 -2.18 3.29 -6.53
CA VAL A 129 -2.27 3.24 -5.08
C VAL A 129 -0.86 3.53 -4.56
N ASP A 130 -0.78 4.29 -3.47
N ASP A 130 -0.76 4.28 -3.48
CA ASP A 130 0.52 4.64 -2.89
CA ASP A 130 0.56 4.57 -2.92
C ASP A 130 0.57 4.28 -1.41
C ASP A 130 0.59 4.29 -1.42
N TYR A 131 1.78 3.99 -0.92
CA TYR A 131 1.97 3.68 0.50
C TYR A 131 3.02 4.58 1.12
N GLY A 132 3.75 5.28 0.25
CA GLY A 132 4.79 6.19 0.71
C GLY A 132 6.02 5.53 1.31
N LEU A 133 6.29 4.28 0.93
CA LEU A 133 7.45 3.58 1.46
C LEU A 133 8.71 3.77 0.61
N SER A 134 9.79 4.17 1.27
CA SER A 134 11.06 4.38 0.60
C SER A 134 11.79 3.04 0.61
N TYR A 135 12.83 2.92 -0.21
CA TYR A 135 13.61 1.69 -0.27
C TYR A 135 14.20 1.42 1.12
N GLU A 136 14.57 2.48 1.82
N GLU A 136 14.57 2.48 1.82
CA GLU A 136 15.13 2.37 3.16
CA GLU A 136 15.14 2.33 3.16
C GLU A 136 14.12 1.70 4.10
C GLU A 136 14.12 1.69 4.09
N ASP A 137 12.86 2.13 3.99
CA ASP A 137 11.78 1.61 4.82
C ASP A 137 11.70 0.09 4.64
N VAL A 138 11.72 -0.35 3.39
CA VAL A 138 11.66 -1.75 3.07
C VAL A 138 12.88 -2.51 3.58
N VAL A 139 14.04 -1.86 3.55
CA VAL A 139 15.27 -2.47 4.03
C VAL A 139 15.21 -2.68 5.54
N ASN A 140 14.80 -1.64 6.27
CA ASN A 140 14.70 -1.73 7.71
C ASN A 140 13.71 -2.81 8.14
N LYS A 141 12.67 -3.01 7.33
CA LYS A 141 11.65 -4.02 7.62
C LYS A 141 12.20 -5.44 7.42
N TYR A 142 12.59 -5.77 6.19
CA TYR A 142 13.09 -7.11 5.90
C TYR A 142 14.40 -7.53 6.56
N GLU A 143 15.25 -6.57 6.90
CA GLU A 143 16.51 -6.91 7.55
C GLU A 143 16.22 -7.36 8.98
N SER A 144 15.11 -6.90 9.55
CA SER A 144 14.75 -7.30 10.90
C SER A 144 14.28 -8.76 10.88
N PHE A 145 14.10 -9.31 9.68
CA PHE A 145 13.66 -10.69 9.52
C PHE A 145 14.87 -11.63 9.43
N ARG A 146 16.03 -11.05 9.14
CA ARG A 146 17.28 -11.80 9.00
C ARG A 146 17.52 -12.66 10.23
N ALA A 147 17.72 -13.95 10.02
CA ALA A 147 17.96 -14.86 11.13
C ALA A 147 19.24 -14.43 11.83
N LYS A 148 19.14 -14.23 13.14
CA LYS A 148 20.30 -13.82 13.93
C LYS A 148 20.58 -14.86 15.01
N CYS A 149 21.19 -15.97 14.61
CA CYS A 149 21.53 -17.06 15.53
C CYS A 149 22.58 -16.61 16.54
N GLY A 150 22.26 -15.57 17.30
CA GLY A 150 23.19 -15.05 18.28
C GLY A 150 22.62 -14.86 19.68
N LYS A 151 23.25 -14.00 20.45
CA LYS A 151 22.82 -13.72 21.83
C LYS A 151 22.66 -15.03 22.60
N VAL A 160 19.50 -20.46 16.10
CA VAL A 160 18.22 -20.05 16.67
C VAL A 160 18.25 -18.58 17.11
N THR A 161 17.25 -17.83 16.67
CA THR A 161 17.16 -16.41 16.99
C THR A 161 16.43 -16.16 18.30
N PRO A 162 17.01 -15.32 19.18
CA PRO A 162 16.47 -14.96 20.49
C PRO A 162 15.02 -14.42 20.42
N LEU A 163 14.25 -14.70 21.47
CA LEU A 163 12.86 -14.26 21.50
C LEU A 163 12.60 -12.77 21.43
N ASP A 164 13.40 -11.96 22.12
CA ASP A 164 13.17 -10.51 22.06
C ASP A 164 13.49 -9.96 20.69
N HIS A 165 14.34 -10.66 19.95
CA HIS A 165 14.70 -10.24 18.60
C HIS A 165 13.53 -10.58 17.68
N LYS A 166 12.97 -11.78 17.87
CA LYS A 166 11.84 -12.21 17.06
C LYS A 166 10.61 -11.36 17.36
N ALA A 167 10.49 -10.93 18.61
CA ALA A 167 9.35 -10.10 18.99
C ALA A 167 9.32 -8.88 18.08
N PHE A 168 10.48 -8.28 17.87
CA PHE A 168 10.60 -7.10 17.03
C PHE A 168 10.21 -7.47 15.60
N SER A 169 10.75 -8.60 15.13
CA SER A 169 10.47 -9.07 13.77
C SER A 169 8.98 -9.26 13.55
N PHE A 170 8.32 -9.94 14.47
CA PHE A 170 6.88 -10.19 14.36
C PHE A 170 6.06 -8.91 14.30
N LYS A 171 6.45 -7.90 15.07
CA LYS A 171 5.70 -6.65 15.01
C LYS A 171 5.81 -6.06 13.61
N LYS A 172 7.01 -6.12 13.02
CA LYS A 172 7.22 -5.59 11.68
C LYS A 172 6.40 -6.38 10.65
N LEU A 173 6.21 -7.67 10.91
CA LEU A 173 5.45 -8.51 10.01
C LEU A 173 3.96 -8.22 10.09
N TYR A 174 3.43 -8.14 11.32
CA TYR A 174 2.01 -7.89 11.55
C TYR A 174 1.58 -6.43 11.29
N TYR A 175 2.49 -5.50 11.51
CA TYR A 175 2.26 -4.07 11.30
C TYR A 175 2.07 -3.76 9.81
N MET A 176 0.85 -3.49 9.38
CA MET A 176 0.62 -3.19 7.97
C MET A 176 0.66 -1.68 7.69
N ASP A 177 1.23 -1.30 6.55
CA ASP A 177 1.29 0.11 6.14
C ASP A 177 0.06 0.36 5.28
N ALA A 178 -0.86 1.19 5.75
CA ALA A 178 -2.07 1.48 4.98
C ALA A 178 -1.78 2.48 3.86
N PRO A 179 -2.51 2.39 2.73
CA PRO A 179 -2.27 3.33 1.62
C PRO A 179 -2.50 4.79 2.02
N ILE A 180 -1.80 5.70 1.34
CA ILE A 180 -1.89 7.11 1.61
C ILE A 180 -2.61 7.90 0.51
N VAL A 181 -3.26 9.00 0.91
CA VAL A 181 -3.99 9.89 0.02
C VAL A 181 -3.53 11.29 0.45
N SER A 182 -3.14 12.13 -0.51
CA SER A 182 -2.68 13.47 -0.18
C SER A 182 -3.75 14.31 0.50
N LEU A 183 -3.30 15.14 1.44
CA LEU A 183 -4.19 16.01 2.19
C LEU A 183 -5.08 16.91 1.31
N ASP A 184 -4.54 17.42 0.21
CA ASP A 184 -5.37 18.27 -0.64
C ASP A 184 -6.55 17.52 -1.24
N LYS A 185 -6.44 16.21 -1.41
CA LYS A 185 -7.55 15.43 -1.93
C LYS A 185 -8.59 15.27 -0.82
N VAL A 186 -8.12 14.82 0.34
CA VAL A 186 -8.98 14.59 1.51
C VAL A 186 -9.81 15.81 1.95
N GLU A 187 -9.23 17.01 1.89
CA GLU A 187 -9.96 18.21 2.30
C GLU A 187 -11.27 18.38 1.53
N ASN A 188 -11.40 17.75 0.37
CA ASN A 188 -12.64 17.86 -0.41
C ASN A 188 -13.76 17.04 0.19
N PHE A 189 -13.45 16.20 1.18
CA PHE A 189 -14.44 15.35 1.80
C PHE A 189 -14.83 15.76 3.22
N VAL A 190 -14.13 16.76 3.77
CA VAL A 190 -14.41 17.22 5.13
C VAL A 190 -15.83 17.75 5.37
N ARG A 191 -16.30 18.60 4.46
CA ARG A 191 -17.65 19.17 4.58
C ARG A 191 -18.70 18.07 4.62
N ILE A 192 -18.69 17.21 3.60
CA ILE A 192 -19.66 16.14 3.52
C ILE A 192 -19.55 15.18 4.71
N ALA A 193 -18.33 14.99 5.22
CA ALA A 193 -18.13 14.11 6.37
C ALA A 193 -18.85 14.72 7.57
N ARG A 194 -18.76 16.03 7.71
CA ARG A 194 -19.41 16.75 8.80
C ARG A 194 -20.92 16.68 8.61
N MET A 195 -21.37 17.00 7.41
CA MET A 195 -22.80 16.98 7.09
C MET A 195 -23.45 15.64 7.34
N ARG A 196 -22.71 14.56 7.13
CA ARG A 196 -23.28 13.23 7.32
C ARG A 196 -23.22 12.73 8.76
N GLY A 197 -22.86 13.61 9.68
CA GLY A 197 -22.83 13.24 11.08
C GLY A 197 -21.60 12.59 11.68
N ILE A 198 -20.49 12.54 10.95
CA ILE A 198 -19.30 11.94 11.53
C ILE A 198 -18.82 12.86 12.66
N SER A 199 -18.75 12.32 13.88
CA SER A 199 -18.35 13.11 15.03
C SER A 199 -16.91 13.65 14.98
N ASP A 200 -16.64 14.59 15.88
CA ASP A 200 -15.36 15.27 15.99
C ASP A 200 -14.10 14.42 16.21
N LYS A 201 -14.21 13.35 16.98
CA LYS A 201 -13.04 12.51 17.26
C LYS A 201 -12.41 11.92 16.00
N TYR A 202 -13.21 11.75 14.96
CA TYR A 202 -12.72 11.17 13.72
C TYR A 202 -11.87 12.12 12.88
N PHE A 203 -11.81 13.38 13.28
CA PHE A 203 -11.05 14.39 12.55
C PHE A 203 -9.71 14.69 13.23
N ALA A 204 -9.50 14.10 14.39
CA ALA A 204 -8.27 14.33 15.15
C ALA A 204 -7.00 14.20 14.32
N PHE A 205 -6.77 13.04 13.73
CA PHE A 205 -5.58 12.84 12.91
C PHE A 205 -5.50 13.85 11.77
N LEU A 206 -6.64 14.12 11.11
CA LEU A 206 -6.66 15.09 10.01
C LEU A 206 -6.15 16.45 10.51
N GLU A 207 -6.51 16.80 11.74
CA GLU A 207 -6.09 18.07 12.33
C GLU A 207 -4.58 18.08 12.54
N LEU A 208 -4.01 16.95 12.92
CA LEU A 208 -2.56 16.85 13.11
C LEU A 208 -1.88 17.00 11.75
N ALA A 209 -2.43 16.32 10.75
CA ALA A 209 -1.89 16.36 9.40
C ALA A 209 -1.92 17.76 8.80
N THR A 210 -2.99 18.49 9.05
CA THR A 210 -3.11 19.85 8.52
C THR A 210 -1.96 20.69 9.06
N VAL A 211 -1.70 20.59 10.36
CA VAL A 211 -0.62 21.33 11.00
C VAL A 211 0.74 21.01 10.40
N LEU A 212 0.92 19.80 9.90
CA LEU A 212 2.18 19.40 9.30
C LEU A 212 2.17 19.56 7.77
N ASN A 213 1.17 20.27 7.26
CA ASN A 213 1.04 20.51 5.81
C ASN A 213 0.92 19.23 4.98
N GLY A 214 0.34 18.18 5.59
CA GLY A 214 0.17 16.92 4.89
C GLY A 214 1.47 16.33 4.37
N ASP A 215 2.57 16.59 5.06
CA ASP A 215 3.88 16.09 4.66
C ASP A 215 4.07 14.70 5.26
N PHE A 216 3.94 13.66 4.43
CA PHE A 216 4.07 12.29 4.90
C PHE A 216 5.41 11.93 5.54
N ASN A 217 6.50 12.50 5.05
CA ASN A 217 7.80 12.20 5.64
C ASN A 217 7.85 12.67 7.07
N GLU A 218 7.05 13.69 7.39
CA GLU A 218 7.00 14.19 8.74
C GLU A 218 5.97 13.41 9.55
N LEU A 219 4.85 13.08 8.91
CA LEU A 219 3.78 12.34 9.57
C LEU A 219 4.28 10.96 10.00
N LYS A 220 5.17 10.37 9.18
CA LYS A 220 5.71 9.06 9.48
C LYS A 220 6.65 9.07 10.68
N LYS A 221 7.15 10.25 11.03
CA LYS A 221 8.05 10.41 12.18
C LYS A 221 7.26 10.65 13.45
N GLN A 222 5.95 10.83 13.32
CA GLN A 222 5.10 11.06 14.49
C GLN A 222 4.79 9.75 15.18
N SER A 223 4.68 9.78 16.50
CA SER A 223 4.37 8.58 17.25
C SER A 223 2.98 8.07 16.90
N SER A 224 2.08 8.99 16.56
CA SER A 224 0.71 8.62 16.21
C SER A 224 0.59 7.96 14.83
N TRP A 225 1.69 7.90 14.08
CA TRP A 225 1.63 7.29 12.75
C TRP A 225 1.32 5.81 12.91
N GLU A 226 1.88 5.20 13.95
CA GLU A 226 1.66 3.78 14.21
C GLU A 226 0.17 3.53 14.48
N TYR A 227 -0.45 4.44 15.21
CA TYR A 227 -1.87 4.32 15.54
C TYR A 227 -2.68 4.48 14.25
N ARG A 228 -2.31 5.45 13.43
CA ARG A 228 -3.00 5.71 12.16
C ARG A 228 -3.08 4.44 11.34
N ASN A 229 -1.97 3.73 11.21
CA ASN A 229 -1.93 2.50 10.43
C ASN A 229 -2.77 1.40 11.05
N LYS A 230 -2.73 1.25 12.37
CA LYS A 230 -3.52 0.21 13.00
C LYS A 230 -5.00 0.50 12.83
N TYR A 231 -5.37 1.78 12.95
CA TYR A 231 -6.76 2.15 12.79
C TYR A 231 -7.27 1.87 11.38
N ALA A 232 -6.50 2.29 10.38
CA ALA A 232 -6.87 2.11 8.98
C ALA A 232 -6.97 0.64 8.61
N GLN A 233 -6.04 -0.15 9.13
CA GLN A 233 -6.01 -1.58 8.87
C GLN A 233 -7.26 -2.30 9.38
N LYS A 234 -7.64 -1.99 10.61
CA LYS A 234 -8.82 -2.64 11.20
C LYS A 234 -10.02 -2.25 10.33
N LYS A 235 -10.10 -0.96 9.99
CA LYS A 235 -11.18 -0.44 9.14
C LYS A 235 -11.28 -1.16 7.81
N ILE A 236 -10.16 -1.20 7.09
CA ILE A 236 -10.12 -1.86 5.81
C ILE A 236 -10.52 -3.32 5.95
N ARG A 237 -10.08 -3.96 7.03
CA ARG A 237 -10.42 -5.35 7.25
C ARG A 237 -11.92 -5.46 7.60
N HIS A 238 -12.41 -4.53 8.42
CA HIS A 238 -13.81 -4.51 8.81
C HIS A 238 -14.71 -4.41 7.58
N MET A 239 -14.36 -3.51 6.66
CA MET A 239 -15.15 -3.34 5.45
C MET A 239 -15.09 -4.59 4.56
N ARG A 240 -13.89 -5.14 4.38
CA ARG A 240 -13.72 -6.34 3.57
C ARG A 240 -14.53 -7.50 4.14
N GLU A 241 -14.43 -7.72 5.44
CA GLU A 241 -15.13 -8.82 6.09
C GLU A 241 -16.63 -8.67 6.16
N ASN A 242 -17.12 -7.44 6.02
CA ASN A 242 -18.56 -7.21 6.10
C ASN A 242 -19.18 -6.70 4.81
N ALA A 243 -18.44 -6.85 3.71
CA ALA A 243 -18.91 -6.40 2.40
C ALA A 243 -19.40 -4.95 2.38
N ILE A 244 -18.70 -4.07 3.08
CA ILE A 244 -19.09 -2.66 3.10
C ILE A 244 -18.42 -1.97 1.93
N PRO A 245 -19.22 -1.50 0.97
CA PRO A 245 -18.67 -0.82 -0.22
C PRO A 245 -18.02 0.52 0.13
N SER A 246 -17.19 1.02 -0.79
CA SER A 246 -16.49 2.29 -0.60
C SER A 246 -17.28 3.48 -1.13
N ILE A 247 -18.14 3.23 -2.12
CA ILE A 247 -18.96 4.27 -2.73
C ILE A 247 -20.44 3.95 -2.57
N GLU A 248 -21.20 4.95 -2.13
CA GLU A 248 -22.63 4.80 -1.94
C GLU A 248 -23.26 4.29 -3.23
N GLU A 249 -24.05 3.22 -3.12
CA GLU A 249 -24.67 2.61 -4.29
C GLU A 249 -26.03 3.20 -4.67
N GLN A 250 -26.78 3.66 -3.68
CA GLN A 250 -28.10 4.24 -3.91
C GLN A 250 -28.23 5.54 -3.15
N GLY A 251 -29.47 5.99 -2.99
CA GLY A 251 -29.75 7.20 -2.25
C GLY A 251 -29.23 8.51 -2.80
N TYR A 252 -29.38 9.53 -1.96
CA TYR A 252 -28.95 10.89 -2.27
C TYR A 252 -27.43 10.98 -2.38
N TRP A 253 -26.74 10.18 -1.57
CA TRP A 253 -25.27 10.19 -1.56
C TRP A 253 -24.63 9.31 -2.64
N LYS A 254 -25.43 8.77 -3.54
CA LYS A 254 -24.89 7.93 -4.58
C LYS A 254 -23.66 8.58 -5.23
N GLY A 255 -22.59 7.81 -5.37
CA GLY A 255 -21.39 8.33 -5.99
C GLY A 255 -20.34 8.90 -5.05
N THR A 256 -20.71 9.15 -3.81
CA THR A 256 -19.77 9.68 -2.85
C THR A 256 -19.37 8.59 -1.84
N PRO A 257 -18.25 8.78 -1.13
CA PRO A 257 -17.80 7.78 -0.16
C PRO A 257 -18.81 7.38 0.91
N THR A 258 -18.78 6.12 1.32
CA THR A 258 -19.68 5.64 2.36
C THR A 258 -19.09 6.18 3.65
N ILE A 259 -19.85 6.14 4.74
CA ILE A 259 -19.36 6.64 6.01
C ILE A 259 -18.02 6.03 6.41
N ASP A 260 -17.91 4.71 6.34
CA ASP A 260 -16.66 4.06 6.68
C ASP A 260 -15.50 4.54 5.80
N GLU A 261 -15.77 4.71 4.51
CA GLU A 261 -14.72 5.15 3.61
C GLU A 261 -14.29 6.56 4.00
N LEU A 262 -15.25 7.39 4.41
CA LEU A 262 -14.97 8.76 4.83
C LEU A 262 -14.06 8.75 6.07
N LYS A 263 -14.33 7.85 7.00
CA LYS A 263 -13.52 7.77 8.21
C LYS A 263 -12.07 7.40 7.86
N LEU A 264 -11.90 6.58 6.81
CA LEU A 264 -10.58 6.19 6.37
C LEU A 264 -9.88 7.40 5.76
N LEU A 265 -10.60 8.13 4.92
CA LEU A 265 -10.07 9.32 4.25
C LEU A 265 -9.57 10.34 5.27
N LEU A 266 -10.30 10.44 6.39
CA LEU A 266 -9.93 11.37 7.46
C LEU A 266 -8.58 10.98 8.08
N PHE A 267 -8.13 9.76 7.81
CA PHE A 267 -6.83 9.29 8.31
C PHE A 267 -5.86 9.24 7.13
N LEU A 268 -6.20 9.99 6.08
CA LEU A 268 -5.41 10.08 4.86
C LEU A 268 -5.16 8.70 4.22
N ALA A 269 -6.14 7.82 4.40
CA ALA A 269 -6.09 6.48 3.87
C ALA A 269 -7.36 6.25 3.06
N SER A 270 -7.35 5.23 2.22
CA SER A 270 -8.54 4.93 1.41
C SER A 270 -8.37 3.65 0.63
N ASN A 271 -9.51 3.04 0.31
CA ASN A 271 -9.55 1.82 -0.49
C ASN A 271 -9.56 2.19 -1.98
N LEU A 272 -9.86 3.46 -2.26
CA LEU A 272 -9.93 3.98 -3.63
C LEU A 272 -8.58 4.37 -4.23
N ASN A 273 -8.41 4.15 -5.54
CA ASN A 273 -7.16 4.54 -6.18
C ASN A 273 -7.26 6.00 -6.60
N ARG A 274 -6.18 6.55 -7.14
CA ARG A 274 -6.18 7.96 -7.55
C ARG A 274 -7.35 8.37 -8.44
N THR A 275 -7.63 7.60 -9.49
CA THR A 275 -8.73 7.91 -10.39
C THR A 275 -10.06 7.88 -9.65
N GLU A 276 -10.26 6.87 -8.80
CA GLU A 276 -11.50 6.75 -8.04
C GLU A 276 -11.68 7.87 -7.01
N VAL A 277 -10.59 8.36 -6.43
CA VAL A 277 -10.67 9.43 -5.46
C VAL A 277 -11.09 10.73 -6.18
N ASN A 278 -10.45 11.03 -7.30
CA ASN A 278 -10.79 12.23 -8.07
C ASN A 278 -12.23 12.15 -8.56
N ASP A 279 -12.66 10.94 -8.89
CA ASP A 279 -14.03 10.75 -9.34
C ASP A 279 -15.00 11.01 -8.20
N ALA A 280 -14.64 10.52 -7.01
CA ALA A 280 -15.47 10.72 -5.83
C ALA A 280 -15.56 12.21 -5.51
N ILE A 281 -14.43 12.92 -5.65
CA ILE A 281 -14.39 14.35 -5.39
C ILE A 281 -15.37 15.07 -6.33
N ASN A 282 -15.33 14.71 -7.61
CA ASN A 282 -16.20 15.30 -8.60
C ASN A 282 -17.67 15.08 -8.22
N ASN A 283 -18.00 13.89 -7.74
CA ASN A 283 -19.39 13.61 -7.36
C ASN A 283 -19.80 14.41 -6.13
N VAL A 284 -18.88 14.56 -5.19
CA VAL A 284 -19.17 15.35 -3.98
C VAL A 284 -19.42 16.81 -4.34
N GLU A 285 -18.67 17.32 -5.31
CA GLU A 285 -18.82 18.72 -5.73
C GLU A 285 -20.09 18.94 -6.57
N ARG A 286 -20.55 17.89 -7.25
CA ARG A 286 -21.78 18.00 -8.03
C ARG A 286 -22.89 18.20 -7.02
N LEU A 287 -22.84 17.40 -5.96
CA LEU A 287 -23.84 17.45 -4.92
C LEU A 287 -23.80 18.78 -4.15
N GLU A 288 -22.61 19.31 -3.88
CA GLU A 288 -22.48 20.57 -3.16
C GLU A 288 -22.93 21.76 -4.01
N SER A 289 -22.53 21.74 -5.28
CA SER A 289 -22.86 22.80 -6.21
C SER A 289 -24.38 22.87 -6.44
N THR A 290 -24.97 21.72 -6.74
CA THR A 290 -26.41 21.63 -6.96
C THR A 290 -27.19 22.02 -5.72
N HIS A 291 -26.67 21.68 -4.55
CA HIS A 291 -27.34 22.02 -3.30
C HIS A 291 -27.38 23.53 -3.11
N TYR A 292 -26.23 24.17 -3.30
CA TYR A 292 -26.08 25.62 -3.16
C TYR A 292 -27.04 26.43 -4.04
N ILE A 293 -27.24 25.95 -5.27
CA ILE A 293 -28.10 26.63 -6.23
C ILE A 293 -29.60 26.43 -6.02
N GLU A 294 -29.97 25.46 -5.19
CA GLU A 294 -31.39 25.21 -4.95
C GLU A 294 -31.87 25.75 -3.60
N ASN A 295 -30.97 26.39 -2.87
CA ASN A 295 -31.29 26.96 -1.56
C ASN A 295 -30.50 28.25 -1.33
PA FAD B . -0.75 -5.22 -0.35
O1A FAD B . -0.64 -4.10 -1.34
O2A FAD B . -0.45 -6.60 -0.81
O5B FAD B . 0.19 -4.99 0.90
C5B FAD B . 0.33 -3.71 1.47
C4B FAD B . 1.71 -3.66 2.04
O4B FAD B . 2.62 -3.49 0.98
C3B FAD B . 1.99 -2.49 2.97
O3B FAD B . 1.75 -2.95 4.31
C2B FAD B . 3.41 -2.16 2.75
O2B FAD B . 4.34 -2.48 3.73
C1B FAD B . 3.81 -2.95 1.47
N9A FAD B . 4.42 -2.20 0.42
C8A FAD B . 3.86 -1.22 -0.45
N7A FAD B . 4.69 -0.77 -1.35
C5A FAD B . 5.85 -1.50 -1.15
C6A FAD B . 7.09 -1.55 -1.82
N6A FAD B . 7.34 -0.81 -2.91
N1A FAD B . 8.03 -2.48 -1.39
C2A FAD B . 7.74 -3.35 -0.38
N3A FAD B . 6.55 -3.38 0.33
C4A FAD B . 5.69 -2.34 -0.14
N1 FAD B . -3.02 -6.92 -8.51
C2 FAD B . -3.72 -6.40 -9.58
O2 FAD B . -4.92 -6.05 -9.47
N3 FAD B . -3.06 -6.24 -10.80
C4 FAD B . -1.70 -6.56 -11.04
O4 FAD B . -1.18 -6.28 -12.16
C4X FAD B . -1.05 -7.15 -9.98
N5 FAD B . 0.32 -7.58 -10.21
C5X FAD B . 0.96 -8.23 -9.12
C6 FAD B . 2.25 -8.80 -9.28
C7 FAD B . 2.97 -9.46 -8.24
C7M FAD B . 4.39 -9.98 -8.48
C8 FAD B . 2.32 -9.58 -6.95
C8M FAD B . 2.98 -10.29 -5.78
C9 FAD B . 1.05 -9.03 -6.73
C9A FAD B . 0.34 -8.38 -7.78
N10 FAD B . -1.02 -7.80 -7.65
C10 FAD B . -1.71 -7.31 -8.73
C1' FAD B . -1.57 -7.66 -6.34
C2' FAD B . -1.50 -6.28 -5.73
O2' FAD B . -0.15 -5.82 -5.95
C3' FAD B . -1.79 -6.19 -4.26
O3' FAD B . -1.00 -7.09 -3.48
C4' FAD B . -3.23 -6.50 -3.86
O4' FAD B . -4.06 -5.55 -4.57
C5' FAD B . -3.52 -6.46 -2.41
O5' FAD B . -3.45 -5.12 -1.90
P FAD B . -3.62 -4.80 -0.36
O1P FAD B . -3.91 -3.37 -0.29
O2P FAD B . -4.56 -5.79 0.25
O3P FAD B . -2.21 -5.16 0.24
#